data_5CVL
#
_entry.id   5CVL
#
_cell.length_a   139.520
_cell.length_b   139.520
_cell.length_c   235.109
_cell.angle_alpha   90.000
_cell.angle_beta   90.000
_cell.angle_gamma   90.000
#
_symmetry.space_group_name_H-M   'I 41 2 2'
#
loop_
_entity.id
_entity.type
_entity.pdbx_description
1 polymer 'WD repeat-containing protein 48'
2 non-polymer 'PHOSPHATE ION'
3 non-polymer 'GOLD ION'
4 water water
#
_entity_poly.entity_id   1
_entity_poly.type   'polypeptide(L)'
_entity_poly.pdbx_seq_one_letter_code
;MHHHHHHGENLYFQGSAAHHRQNTAGRRKVQVSYVIRDEVEKYNRNGVNALQLDPALNRLFTAGRDSIIRIWSVNQHKQD
PYIASMEHHTDWVNDIVLCCNGKTLISASSDTTVKVWNAHKGFCMSTLRTHKDYVKALAYAKDKELVASAGLDRQIFLWD
VNTLTALTASNNTVTTSSLSGNKDSIYSLAMNQLGTIIVSGSTEKVLRVWDPRTCAKLMKLKGHTDNVKALLLNRDGTQC
LSGSSDGTIRLWSLGQQRCIATYRVHDEGVWALQVNDAFTHVYSGGRDRKIYCTDLRNPDIRVLICEEKAPVLKMELDRS
ADPPPAIWVATTKSTVNKWTLKGIHNFRASGDYDNDCTNPITPLCTQPDQVIKGGASIIQCHILNDKRHILTKDTNNNVA
YWDVLKACKVEDLGKVDFEDEIKKRFKMVYVPNWFSVDLKTGMLTITLDESDCFAAWVSAKDAGFSSPDGSDPKLNLGGL
LLQALLEYWPRTHVNPMDEEENEVNHVNGEQENRVQKGNGYFQVPPHTPVIFGEAGGRTLFRLLCRDSGGETESMLLNET
VPQWVIDITVDKNMPKFNKIPFYLQPHASSGAKTLGNS
;
_entity_poly.pdbx_strand_id   A
#
loop_
_chem_comp.id
_chem_comp.type
_chem_comp.name
_chem_comp.formula
AU non-polymer 'GOLD ION' 'Au 1'
PO4 non-polymer 'PHOSPHATE ION' 'O4 P -3'
#
# COMPACT_ATOMS: atom_id res chain seq x y z
N ARG A 27 1.12 -20.61 -17.10
CA ARG A 27 0.46 -19.55 -17.87
C ARG A 27 -0.65 -18.82 -17.06
N ARG A 28 -0.41 -17.50 -16.78
CA ARG A 28 -1.32 -16.66 -16.01
C ARG A 28 -2.14 -15.77 -16.93
N LYS A 29 -3.48 -15.81 -16.77
CA LYS A 29 -4.40 -14.97 -17.54
C LYS A 29 -4.28 -13.50 -17.10
N VAL A 30 -4.69 -12.54 -17.95
CA VAL A 30 -4.54 -11.12 -17.60
C VAL A 30 -5.89 -10.46 -17.40
N GLN A 31 -5.96 -9.59 -16.37
CA GLN A 31 -7.15 -8.84 -15.99
C GLN A 31 -6.91 -7.35 -16.07
N VAL A 32 -7.86 -6.68 -16.69
CA VAL A 32 -7.95 -5.23 -16.85
C VAL A 32 -8.76 -4.73 -15.64
N SER A 33 -8.20 -3.80 -14.88
CA SER A 33 -8.89 -3.20 -13.74
C SER A 33 -8.70 -1.68 -13.73
N TYR A 34 -9.60 -0.97 -13.05
CA TYR A 34 -9.54 0.49 -12.97
C TYR A 34 -10.04 0.99 -11.63
N VAL A 35 -9.65 2.21 -11.26
CA VAL A 35 -10.02 2.82 -9.98
C VAL A 35 -10.93 3.98 -10.22
N ILE A 36 -12.06 4.02 -9.51
CA ILE A 36 -13.00 5.13 -9.57
C ILE A 36 -12.56 6.09 -8.47
N ARG A 37 -11.93 7.19 -8.88
CA ARG A 37 -11.35 8.19 -7.98
C ARG A 37 -11.26 9.55 -8.70
N ASP A 38 -10.75 10.55 -7.98
CA ASP A 38 -10.52 11.90 -8.46
C ASP A 38 -9.12 12.02 -9.07
N GLU A 39 -8.89 13.09 -9.87
CA GLU A 39 -7.62 13.43 -10.51
C GLU A 39 -6.52 13.43 -9.45
N VAL A 40 -6.84 14.03 -8.29
CA VAL A 40 -5.95 14.14 -7.15
C VAL A 40 -6.65 13.73 -5.86
N GLU A 41 -5.95 12.85 -5.10
CA GLU A 41 -6.31 12.33 -3.79
C GLU A 41 -5.30 12.90 -2.79
N LYS A 42 -5.54 14.13 -2.39
CA LYS A 42 -4.69 14.88 -1.48
C LYS A 42 -4.44 14.13 -0.16
N TYR A 43 -5.47 13.44 0.38
CA TYR A 43 -5.40 12.75 1.65
C TYR A 43 -5.46 11.25 1.53
N ASN A 44 -4.95 10.50 2.55
CA ASN A 44 -4.93 9.03 2.54
C ASN A 44 -6.35 8.52 2.52
N ARG A 45 -6.64 7.60 1.59
CA ARG A 45 -8.00 7.10 1.49
C ARG A 45 -8.18 5.75 2.24
N ASN A 46 -7.13 5.33 2.98
CA ASN A 46 -7.11 4.16 3.81
C ASN A 46 -5.99 4.32 4.88
N GLY A 47 -5.74 3.29 5.69
CA GLY A 47 -4.69 3.33 6.71
C GLY A 47 -3.29 3.45 6.17
N VAL A 48 -2.37 3.88 7.00
CA VAL A 48 -0.96 4.06 6.61
C VAL A 48 -0.10 2.91 7.17
N ASN A 49 0.62 2.23 6.29
CA ASN A 49 1.44 1.08 6.64
C ASN A 49 2.84 1.43 7.11
N ALA A 50 3.46 2.47 6.52
CA ALA A 50 4.85 2.84 6.78
C ALA A 50 5.12 4.35 6.75
N LEU A 51 6.03 4.80 7.63
CA LEU A 51 6.41 6.20 7.77
C LEU A 51 7.90 6.33 7.61
N GLN A 52 8.33 7.48 7.05
CA GLN A 52 9.72 7.82 6.79
C GLN A 52 9.92 9.33 6.86
N LEU A 53 10.67 9.77 7.89
CA LEU A 53 10.91 11.17 8.15
C LEU A 53 12.30 11.65 7.69
N ASP A 54 12.32 12.81 6.99
CA ASP A 54 13.52 13.49 6.51
C ASP A 54 13.70 14.70 7.40
N PRO A 55 14.66 14.63 8.36
CA PRO A 55 14.84 15.76 9.30
C PRO A 55 15.48 17.01 8.66
N ALA A 56 16.35 16.76 7.65
CA ALA A 56 17.05 17.76 6.85
C ALA A 56 16.06 18.71 6.15
N LEU A 57 15.03 18.17 5.46
CA LEU A 57 14.04 18.97 4.75
C LEU A 57 12.70 19.12 5.48
N ASN A 58 12.57 18.57 6.71
CA ASN A 58 11.35 18.57 7.52
C ASN A 58 10.19 17.99 6.72
N ARG A 59 10.45 16.86 6.03
CA ARG A 59 9.49 16.19 5.19
C ARG A 59 9.13 14.78 5.71
N LEU A 60 7.81 14.45 5.69
CA LEU A 60 7.30 13.12 6.07
C LEU A 60 6.82 12.35 4.82
N PHE A 61 7.06 11.05 4.81
CA PHE A 61 6.63 10.16 3.75
C PHE A 61 5.67 9.14 4.36
N THR A 62 4.42 9.10 3.87
CA THR A 62 3.42 8.14 4.33
C THR A 62 3.20 7.12 3.21
N ALA A 63 3.28 5.81 3.53
CA ALA A 63 3.00 4.73 2.57
C ALA A 63 1.55 4.28 2.85
N GLY A 64 0.70 4.39 1.85
CA GLY A 64 -0.72 4.11 2.00
C GLY A 64 -1.24 2.76 1.55
N ARG A 65 -2.32 2.33 2.21
CA ARG A 65 -3.05 1.15 1.86
C ARG A 65 -3.90 1.55 0.67
N ASP A 66 -3.98 2.89 0.41
CA ASP A 66 -4.68 3.47 -0.73
C ASP A 66 -3.84 3.37 -1.99
N SER A 67 -2.63 2.74 -1.92
CA SER A 67 -1.67 2.48 -3.01
C SER A 67 -0.86 3.71 -3.43
N ILE A 68 -0.91 4.78 -2.62
CA ILE A 68 -0.22 6.03 -2.92
C ILE A 68 0.72 6.44 -1.80
N ILE A 69 1.97 6.74 -2.18
CA ILE A 69 2.94 7.30 -1.25
C ILE A 69 2.70 8.84 -1.32
N ARG A 70 2.70 9.54 -0.16
CA ARG A 70 2.51 10.97 -0.15
C ARG A 70 3.66 11.64 0.61
N ILE A 71 4.05 12.86 0.16
CA ILE A 71 5.08 13.71 0.78
C ILE A 71 4.39 14.87 1.49
N TRP A 72 4.82 15.13 2.72
CA TRP A 72 4.27 16.17 3.59
C TRP A 72 5.39 17.02 4.19
N SER A 73 5.05 18.27 4.58
CA SER A 73 5.96 19.22 5.24
C SER A 73 5.56 19.27 6.70
N VAL A 74 6.49 18.89 7.61
CA VAL A 74 6.23 18.75 9.05
C VAL A 74 6.91 19.87 9.91
N ASN A 75 6.96 21.09 9.35
CA ASN A 75 7.49 22.31 9.96
C ASN A 75 6.67 22.70 11.21
N GLN A 76 5.41 22.21 11.28
CA GLN A 76 4.38 22.36 12.33
C GLN A 76 3.51 23.63 12.13
N HIS A 77 4.07 24.68 11.50
CA HIS A 77 3.36 25.94 11.28
C HIS A 77 3.17 26.25 9.79
N LYS A 78 2.09 25.69 9.24
CA LYS A 78 1.63 25.79 7.85
C LYS A 78 0.18 25.32 7.80
N GLN A 79 -0.69 26.04 7.09
CA GLN A 79 -2.12 25.70 7.00
C GLN A 79 -2.38 24.38 6.22
N ASP A 80 -1.50 24.04 5.26
CA ASP A 80 -1.60 22.83 4.48
C ASP A 80 -0.21 22.17 4.31
N PRO A 81 -0.01 20.95 4.87
CA PRO A 81 1.32 20.31 4.78
C PRO A 81 1.56 19.46 3.54
N TYR A 82 0.52 19.26 2.69
CA TYR A 82 0.59 18.45 1.48
C TYR A 82 1.63 18.94 0.46
N ILE A 83 2.57 18.06 0.05
CA ILE A 83 3.60 18.45 -0.91
C ILE A 83 3.32 17.81 -2.25
N ALA A 84 3.35 16.47 -2.32
CA ALA A 84 3.11 15.71 -3.54
C ALA A 84 2.63 14.28 -3.23
N SER A 85 2.13 13.58 -4.25
CA SER A 85 1.69 12.21 -4.08
C SER A 85 2.18 11.38 -5.24
N MET A 86 2.81 10.27 -4.93
CA MET A 86 3.46 9.33 -5.82
C MET A 86 2.54 8.10 -5.95
N GLU A 87 1.98 7.91 -7.16
CA GLU A 87 0.89 6.97 -7.43
C GLU A 87 1.15 5.69 -8.26
N HIS A 88 2.37 5.37 -8.66
CA HIS A 88 2.63 4.16 -9.46
C HIS A 88 2.09 2.79 -8.95
N HIS A 89 2.02 2.55 -7.61
CA HIS A 89 1.55 1.26 -7.07
C HIS A 89 0.02 1.01 -7.27
N THR A 90 -0.36 -0.27 -7.44
CA THR A 90 -1.75 -0.62 -7.70
C THR A 90 -2.45 -1.32 -6.55
N ASP A 91 -1.70 -1.64 -5.46
CA ASP A 91 -2.24 -2.21 -4.24
C ASP A 91 -1.54 -1.56 -3.07
N TRP A 92 -1.77 -2.04 -1.82
CA TRP A 92 -1.17 -1.50 -0.60
C TRP A 92 0.29 -1.22 -0.76
N VAL A 93 0.76 -0.16 -0.10
CA VAL A 93 2.19 0.17 -0.07
C VAL A 93 2.56 -0.25 1.38
N ASN A 94 3.19 -1.44 1.51
CA ASN A 94 3.52 -2.07 2.81
C ASN A 94 4.69 -1.44 3.55
N ASP A 95 5.76 -1.10 2.83
CA ASP A 95 6.92 -0.47 3.45
C ASP A 95 7.56 0.53 2.51
N ILE A 96 8.24 1.52 3.12
CA ILE A 96 9.05 2.56 2.44
C ILE A 96 10.39 2.73 3.17
N VAL A 97 11.47 3.01 2.40
CA VAL A 97 12.83 3.23 2.90
C VAL A 97 13.42 4.49 2.25
N LEU A 98 13.81 5.46 3.08
CA LEU A 98 14.44 6.71 2.67
C LEU A 98 15.96 6.62 2.89
N CYS A 99 16.71 6.45 1.79
CA CYS A 99 18.17 6.34 1.80
C CYS A 99 18.83 7.53 1.10
N CYS A 100 20.19 7.54 1.04
CA CYS A 100 21.02 8.58 0.42
C CYS A 100 20.67 9.96 0.96
N ASN A 101 20.69 10.11 2.27
CA ASN A 101 20.35 11.35 2.94
C ASN A 101 19.03 11.99 2.40
N GLY A 102 18.03 11.15 2.17
CA GLY A 102 16.69 11.54 1.73
C GLY A 102 16.51 11.81 0.26
N LYS A 103 17.48 11.37 -0.53
CA LYS A 103 17.51 11.55 -1.97
C LYS A 103 16.68 10.49 -2.68
N THR A 104 16.75 9.25 -2.16
CA THR A 104 16.11 8.06 -2.74
C THR A 104 15.03 7.45 -1.82
N LEU A 105 13.97 6.87 -2.42
CA LEU A 105 12.91 6.16 -1.72
C LEU A 105 12.69 4.81 -2.35
N ILE A 106 12.77 3.75 -1.56
CA ILE A 106 12.50 2.39 -2.03
C ILE A 106 11.15 2.00 -1.42
N SER A 107 10.23 1.44 -2.22
CA SER A 107 8.93 1.06 -1.69
C SER A 107 8.60 -0.38 -1.99
N ALA A 108 7.82 -1.03 -1.08
CA ALA A 108 7.36 -2.43 -1.15
C ALA A 108 5.85 -2.46 -1.22
N SER A 109 5.33 -3.24 -2.18
CA SER A 109 3.88 -3.28 -2.39
C SER A 109 3.31 -4.65 -2.61
N SER A 110 2.00 -4.75 -2.31
CA SER A 110 1.18 -5.93 -2.50
C SER A 110 0.85 -6.10 -4.01
N ASP A 111 1.33 -5.15 -4.86
CA ASP A 111 1.20 -5.26 -6.31
C ASP A 111 2.36 -6.14 -6.84
N THR A 112 3.18 -6.71 -5.90
CA THR A 112 4.33 -7.62 -6.05
C THR A 112 5.62 -6.91 -6.51
N THR A 113 5.64 -5.57 -6.51
CA THR A 113 6.81 -4.84 -7.00
C THR A 113 7.50 -3.98 -5.96
N VAL A 114 8.77 -3.64 -6.25
CA VAL A 114 9.65 -2.78 -5.48
C VAL A 114 9.95 -1.59 -6.40
N LYS A 115 9.70 -0.37 -5.93
CA LYS A 115 9.90 0.81 -6.76
C LYS A 115 10.91 1.77 -6.18
N VAL A 116 11.79 2.30 -7.05
CA VAL A 116 12.83 3.26 -6.72
C VAL A 116 12.31 4.62 -7.13
N TRP A 117 12.40 5.62 -6.24
CA TRP A 117 11.86 6.95 -6.46
C TRP A 117 12.88 8.04 -6.13
N ASN A 118 12.85 9.13 -6.91
CA ASN A 118 13.65 10.30 -6.59
C ASN A 118 12.83 10.99 -5.48
N ALA A 119 13.30 10.89 -4.23
CA ALA A 119 12.57 11.42 -3.07
C ALA A 119 12.50 12.93 -2.97
N HIS A 120 13.56 13.63 -3.48
CA HIS A 120 13.63 15.09 -3.46
C HIS A 120 12.66 15.67 -4.46
N LYS A 121 12.69 15.15 -5.70
CA LYS A 121 11.86 15.66 -6.80
C LYS A 121 10.49 14.93 -6.93
N GLY A 122 10.31 13.81 -6.24
CA GLY A 122 9.04 13.07 -6.17
C GLY A 122 8.53 12.37 -7.41
N PHE A 123 9.34 11.48 -7.99
CA PHE A 123 8.92 10.73 -9.17
C PHE A 123 9.52 9.35 -9.17
N CYS A 124 8.90 8.44 -9.91
CA CYS A 124 9.35 7.05 -10.01
C CYS A 124 10.57 6.94 -10.94
N MET A 125 11.54 6.10 -10.56
CA MET A 125 12.78 5.86 -11.31
C MET A 125 12.83 4.44 -11.93
N SER A 126 12.76 3.38 -11.10
CA SER A 126 12.80 2.00 -11.58
C SER A 126 11.76 1.12 -10.86
N THR A 127 11.37 0.00 -11.50
CA THR A 127 10.45 -0.95 -10.93
C THR A 127 11.08 -2.31 -11.00
N LEU A 128 11.38 -2.88 -9.82
CA LEU A 128 11.94 -4.23 -9.66
C LEU A 128 10.75 -5.22 -9.59
N ARG A 129 10.66 -6.14 -10.56
CA ARG A 129 9.56 -7.10 -10.66
C ARG A 129 10.06 -8.49 -10.34
N THR A 130 11.09 -8.56 -9.48
CA THR A 130 11.76 -9.78 -9.06
C THR A 130 10.86 -10.67 -8.17
N HIS A 131 10.09 -10.05 -7.24
CA HIS A 131 9.15 -10.73 -6.34
C HIS A 131 7.93 -11.27 -7.10
N LYS A 132 7.48 -12.47 -6.68
CA LYS A 132 6.34 -13.22 -7.24
C LYS A 132 5.04 -13.01 -6.43
N ASP A 133 5.14 -12.58 -5.15
CA ASP A 133 3.98 -12.32 -4.30
C ASP A 133 4.07 -10.95 -3.63
N TYR A 134 3.14 -10.59 -2.71
CA TYR A 134 3.15 -9.29 -2.01
C TYR A 134 4.51 -8.99 -1.43
N VAL A 135 4.93 -7.72 -1.47
CA VAL A 135 6.21 -7.36 -0.86
C VAL A 135 5.82 -6.70 0.43
N LYS A 136 6.12 -7.40 1.53
CA LYS A 136 5.67 -7.00 2.85
C LYS A 136 6.63 -6.12 3.66
N ALA A 137 7.94 -6.33 3.57
CA ALA A 137 8.88 -5.51 4.36
C ALA A 137 10.17 -5.14 3.64
N LEU A 138 10.79 -4.07 4.13
CA LEU A 138 12.07 -3.56 3.67
C LEU A 138 12.95 -3.34 4.88
N ALA A 139 14.23 -3.69 4.75
CA ALA A 139 15.24 -3.49 5.79
C ALA A 139 16.31 -2.60 5.20
N TYR A 140 16.98 -1.77 6.01
CA TYR A 140 17.98 -0.85 5.48
C TYR A 140 19.25 -0.72 6.34
N ALA A 141 20.44 -0.83 5.69
CA ALA A 141 21.78 -0.70 6.28
C ALA A 141 22.32 0.69 5.93
N LYS A 142 21.91 1.70 6.75
CA LYS A 142 22.29 3.11 6.58
C LYS A 142 23.74 3.30 6.10
N ASP A 143 24.71 2.78 6.86
CA ASP A 143 26.14 2.90 6.55
C ASP A 143 26.49 2.31 5.20
N LYS A 144 26.36 0.98 5.00
CA LYS A 144 26.68 0.31 3.74
C LYS A 144 25.74 0.64 2.54
N GLU A 145 24.73 1.52 2.72
CA GLU A 145 23.71 1.91 1.74
C GLU A 145 23.13 0.70 0.95
N LEU A 146 22.62 -0.27 1.73
CA LEU A 146 22.05 -1.54 1.30
C LEU A 146 20.59 -1.59 1.73
N VAL A 147 19.78 -2.39 1.03
CA VAL A 147 18.36 -2.52 1.29
C VAL A 147 17.88 -3.92 0.89
N ALA A 148 17.05 -4.55 1.74
CA ALA A 148 16.53 -5.87 1.43
C ALA A 148 15.03 -5.82 1.39
N SER A 149 14.42 -6.69 0.54
CA SER A 149 12.97 -6.76 0.39
C SER A 149 12.48 -8.20 0.49
N ALA A 150 11.46 -8.43 1.33
CA ALA A 150 10.86 -9.74 1.52
C ALA A 150 9.35 -9.62 1.53
N GLY A 151 8.65 -10.74 1.29
CA GLY A 151 7.19 -10.75 1.28
C GLY A 151 6.58 -12.12 1.50
N LEU A 152 5.46 -12.39 0.84
CA LEU A 152 4.81 -13.69 0.92
C LEU A 152 5.49 -14.74 -0.02
N ASP A 153 6.58 -14.33 -0.69
CA ASP A 153 7.42 -15.12 -1.60
C ASP A 153 8.17 -16.19 -0.87
N ARG A 154 8.45 -15.94 0.43
CA ARG A 154 9.33 -16.75 1.26
C ARG A 154 10.81 -16.54 0.80
N GLN A 155 11.07 -15.53 -0.09
CA GLN A 155 12.41 -15.16 -0.57
C GLN A 155 12.73 -13.68 -0.27
N ILE A 156 13.98 -13.40 0.19
CA ILE A 156 14.49 -12.06 0.54
C ILE A 156 15.53 -11.67 -0.50
N PHE A 157 15.46 -10.44 -0.98
CA PHE A 157 16.36 -9.94 -1.99
C PHE A 157 17.15 -8.77 -1.49
N LEU A 158 18.49 -8.89 -1.58
CA LEU A 158 19.43 -7.85 -1.19
C LEU A 158 19.71 -6.97 -2.40
N TRP A 159 19.86 -5.66 -2.15
CA TRP A 159 20.03 -4.67 -3.22
C TRP A 159 20.98 -3.57 -2.88
N ASP A 160 21.87 -3.22 -3.84
CA ASP A 160 22.71 -2.05 -3.65
C ASP A 160 21.93 -0.84 -4.16
N VAL A 161 21.75 0.18 -3.29
CA VAL A 161 21.00 1.39 -3.60
C VAL A 161 21.60 2.14 -4.79
N ASN A 162 22.95 2.27 -4.85
CA ASN A 162 23.66 2.93 -5.96
C ASN A 162 23.38 2.24 -7.28
N THR A 163 23.36 0.89 -7.30
CA THR A 163 23.02 0.09 -8.47
C THR A 163 21.55 0.35 -8.88
N LEU A 164 20.66 0.55 -7.88
CA LEU A 164 19.23 0.83 -8.15
C LEU A 164 19.05 2.24 -8.71
N THR A 165 19.71 3.24 -8.10
CA THR A 165 19.64 4.66 -8.50
C THR A 165 20.10 4.88 -9.94
N ALA A 166 20.88 3.93 -10.47
CA ALA A 166 21.38 3.98 -11.83
C ALA A 166 20.79 2.79 -12.57
N LEU A 167 19.47 2.83 -12.87
CA LEU A 167 18.88 1.68 -13.53
C LEU A 167 18.20 1.99 -14.87
N THR A 168 16.84 2.16 -14.91
CA THR A 168 16.03 2.36 -16.12
C THR A 168 16.75 3.29 -17.13
N ALA A 169 16.87 2.80 -18.38
CA ALA A 169 17.48 3.40 -19.57
C ALA A 169 17.49 2.26 -20.61
N SER A 170 18.67 1.97 -21.20
CA SER A 170 18.89 0.87 -22.13
C SER A 170 19.50 -0.31 -21.35
N ASN A 171 19.84 -0.06 -20.05
CA ASN A 171 20.48 -1.04 -19.17
C ASN A 171 19.69 -1.29 -17.87
N ASN A 172 18.54 -2.01 -17.99
CA ASN A 172 17.66 -2.45 -16.89
C ASN A 172 18.18 -3.81 -16.34
N THR A 173 19.50 -4.03 -16.48
CA THR A 173 20.19 -5.23 -16.05
C THR A 173 20.25 -5.32 -14.50
N VAL A 174 19.60 -6.35 -13.93
CA VAL A 174 19.55 -6.56 -12.48
C VAL A 174 20.06 -7.94 -12.07
N THR A 175 21.13 -7.94 -11.26
CA THR A 175 21.70 -9.16 -10.69
C THR A 175 21.10 -9.32 -9.30
N THR A 176 20.31 -10.38 -9.13
CA THR A 176 19.56 -10.66 -7.91
C THR A 176 20.33 -11.50 -6.89
N SER A 177 20.57 -10.91 -5.70
CA SER A 177 21.23 -11.57 -4.57
C SER A 177 20.12 -11.94 -3.56
N SER A 178 19.83 -13.25 -3.42
CA SER A 178 18.76 -13.77 -2.58
C SER A 178 19.23 -14.42 -1.26
N LEU A 179 18.31 -14.57 -0.30
CA LEU A 179 18.52 -15.21 0.99
C LEU A 179 17.53 -16.37 1.11
N SER A 180 18.06 -17.59 1.32
CA SER A 180 17.27 -18.82 1.43
C SER A 180 17.09 -19.31 2.86
N GLY A 181 16.00 -20.03 3.10
CA GLY A 181 15.69 -20.61 4.39
C GLY A 181 14.24 -20.55 4.80
N ASN A 182 13.61 -19.35 4.65
CA ASN A 182 12.23 -19.07 5.03
C ASN A 182 11.25 -20.06 4.46
N LYS A 183 10.59 -20.79 5.38
CA LYS A 183 9.62 -21.83 5.10
C LYS A 183 8.24 -21.20 4.87
N ASP A 184 7.91 -20.19 5.68
CA ASP A 184 6.66 -19.42 5.66
C ASP A 184 6.85 -18.00 5.08
N SER A 185 5.72 -17.25 5.00
CA SER A 185 5.56 -15.88 4.51
C SER A 185 6.15 -14.84 5.46
N ILE A 186 7.10 -14.00 4.97
CA ILE A 186 7.81 -12.94 5.74
C ILE A 186 6.94 -11.68 5.99
N TYR A 187 6.87 -11.25 7.25
CA TYR A 187 6.13 -10.07 7.70
C TYR A 187 7.04 -8.99 8.26
N SER A 188 8.29 -9.32 8.63
CA SER A 188 9.22 -8.32 9.16
C SER A 188 10.68 -8.53 8.73
N LEU A 189 11.45 -7.43 8.60
CA LEU A 189 12.86 -7.46 8.20
C LEU A 189 13.63 -6.39 8.92
N ALA A 190 14.86 -6.73 9.34
CA ALA A 190 15.75 -5.77 9.98
C ALA A 190 17.21 -6.02 9.61
N MET A 191 17.93 -4.92 9.41
CA MET A 191 19.37 -4.87 9.13
C MET A 191 20.00 -3.88 10.09
N ASN A 192 21.24 -4.15 10.55
CA ASN A 192 21.92 -3.22 11.46
C ASN A 192 22.55 -2.09 10.64
N GLN A 193 22.83 -0.94 11.31
CA GLN A 193 23.41 0.23 10.66
C GLN A 193 24.55 -0.13 9.69
N LEU A 194 25.54 -0.93 10.14
CA LEU A 194 26.70 -1.34 9.33
C LEU A 194 26.37 -2.39 8.25
N GLY A 195 25.25 -3.09 8.39
CA GLY A 195 24.83 -4.10 7.42
C GLY A 195 25.65 -5.37 7.49
N THR A 196 25.90 -5.82 8.72
CA THR A 196 26.67 -7.03 9.04
C THR A 196 25.72 -8.17 9.39
N ILE A 197 24.47 -7.83 9.79
CA ILE A 197 23.42 -8.76 10.17
C ILE A 197 22.07 -8.41 9.53
N ILE A 198 21.31 -9.46 9.11
CA ILE A 198 19.95 -9.36 8.57
C ILE A 198 19.03 -10.40 9.19
N VAL A 199 17.93 -9.95 9.81
CA VAL A 199 16.97 -10.87 10.42
C VAL A 199 15.56 -10.71 9.79
N SER A 200 14.85 -11.84 9.65
CA SER A 200 13.48 -11.95 9.13
C SER A 200 12.52 -12.48 10.20
N GLY A 201 11.28 -11.98 10.14
CA GLY A 201 10.18 -12.41 10.98
C GLY A 201 9.08 -12.98 10.11
N SER A 202 8.48 -14.09 10.52
CA SER A 202 7.42 -14.72 9.72
C SER A 202 6.39 -15.44 10.58
N THR A 203 5.47 -16.14 9.91
CA THR A 203 4.41 -16.94 10.51
C THR A 203 4.98 -18.27 11.06
N GLU A 204 6.27 -18.52 10.78
CA GLU A 204 7.08 -19.64 11.22
C GLU A 204 7.43 -19.44 12.71
N LYS A 205 7.07 -18.26 13.28
CA LYS A 205 7.26 -17.80 14.67
C LYS A 205 8.73 -17.59 15.04
N VAL A 206 9.63 -18.29 14.33
CA VAL A 206 11.09 -18.34 14.50
C VAL A 206 11.74 -17.28 13.64
N LEU A 207 12.83 -16.67 14.12
CA LEU A 207 13.55 -15.66 13.35
C LEU A 207 14.78 -16.26 12.71
N ARG A 208 15.04 -15.92 11.44
CA ARG A 208 16.20 -16.41 10.71
C ARG A 208 17.16 -15.25 10.51
N VAL A 209 18.44 -15.48 10.86
CA VAL A 209 19.53 -14.51 10.76
C VAL A 209 20.48 -14.94 9.61
N TRP A 210 21.11 -13.97 8.93
CA TRP A 210 22.07 -14.19 7.85
C TRP A 210 23.10 -13.05 7.92
N ASP A 211 24.16 -13.16 7.09
CA ASP A 211 25.17 -12.11 6.94
C ASP A 211 24.84 -11.53 5.57
N PRO A 212 24.38 -10.26 5.46
CA PRO A 212 23.94 -9.75 4.16
C PRO A 212 25.04 -9.63 3.12
N ARG A 213 26.28 -9.36 3.58
CA ARG A 213 27.44 -9.22 2.70
C ARG A 213 27.84 -10.57 2.02
N THR A 214 27.68 -11.72 2.72
CA THR A 214 28.02 -13.07 2.22
C THR A 214 26.80 -13.92 1.78
N CYS A 215 25.59 -13.56 2.24
CA CYS A 215 24.30 -14.26 2.03
C CYS A 215 24.20 -15.60 2.80
N ALA A 216 25.20 -15.86 3.66
CA ALA A 216 25.31 -17.07 4.48
C ALA A 216 24.41 -17.05 5.72
N LYS A 217 23.73 -18.20 5.98
CA LYS A 217 22.87 -18.41 7.16
C LYS A 217 23.74 -18.39 8.45
N LEU A 218 23.34 -17.59 9.45
CA LEU A 218 24.06 -17.46 10.71
C LEU A 218 23.48 -18.37 11.80
N MET A 219 22.19 -18.18 12.12
CA MET A 219 21.42 -18.91 13.13
C MET A 219 19.91 -18.84 12.83
N LYS A 220 19.12 -19.59 13.61
CA LYS A 220 17.66 -19.67 13.53
C LYS A 220 17.14 -19.54 14.97
N LEU A 221 16.80 -18.32 15.41
CA LEU A 221 16.34 -18.04 16.78
C LEU A 221 14.88 -18.44 17.09
N LYS A 222 14.69 -19.45 17.95
CA LYS A 222 13.40 -20.00 18.36
C LYS A 222 12.97 -19.36 19.71
N GLY A 223 11.68 -19.04 19.85
CA GLY A 223 11.17 -18.44 21.09
C GLY A 223 9.74 -17.92 21.06
N HIS A 224 9.37 -17.22 19.97
CA HIS A 224 8.05 -16.65 19.80
C HIS A 224 6.97 -17.71 19.54
N THR A 225 5.75 -17.35 19.97
CA THR A 225 4.47 -18.05 19.95
C THR A 225 3.68 -17.75 18.65
N ASP A 226 3.81 -16.53 18.11
CA ASP A 226 3.02 -16.13 16.95
C ASP A 226 3.93 -15.49 15.91
N ASN A 227 3.30 -14.79 14.93
CA ASN A 227 3.92 -14.03 13.85
C ASN A 227 4.57 -12.80 14.44
N VAL A 228 5.76 -12.45 13.88
CA VAL A 228 6.60 -11.31 14.24
C VAL A 228 6.37 -10.20 13.21
N LYS A 229 5.74 -9.10 13.64
CA LYS A 229 5.44 -7.98 12.73
C LYS A 229 6.43 -6.80 12.87
N ALA A 230 7.31 -6.81 13.91
CA ALA A 230 8.32 -5.77 14.12
C ALA A 230 9.64 -6.34 14.59
N LEU A 231 10.71 -5.95 13.93
CA LEU A 231 12.10 -6.32 14.24
C LEU A 231 12.94 -5.05 14.30
N LEU A 232 13.94 -5.04 15.19
CA LEU A 232 14.84 -3.90 15.39
C LEU A 232 16.24 -4.42 15.76
N LEU A 233 17.30 -3.82 15.23
CA LEU A 233 18.67 -4.25 15.55
C LEU A 233 19.53 -3.10 16.03
N ASN A 234 20.53 -3.37 16.92
CA ASN A 234 21.43 -2.31 17.37
C ASN A 234 22.55 -2.08 16.35
N ARG A 235 23.25 -0.91 16.42
CA ARG A 235 24.33 -0.49 15.52
C ARG A 235 25.25 -1.64 15.08
N ASP A 236 25.80 -2.40 16.04
CA ASP A 236 26.72 -3.53 15.80
C ASP A 236 26.02 -4.85 15.45
N GLY A 237 24.71 -4.92 15.68
CA GLY A 237 23.90 -6.09 15.36
C GLY A 237 24.13 -7.23 16.32
N THR A 238 24.58 -6.92 17.54
CA THR A 238 24.84 -7.89 18.60
C THR A 238 23.53 -8.39 19.19
N GLN A 239 22.58 -7.47 19.47
CA GLN A 239 21.26 -7.82 20.00
C GLN A 239 20.11 -7.30 19.09
N CYS A 240 18.98 -8.04 19.11
CA CYS A 240 17.77 -7.77 18.32
C CYS A 240 16.54 -7.66 19.20
N LEU A 241 15.70 -6.67 18.93
CA LEU A 241 14.39 -6.50 19.59
C LEU A 241 13.30 -6.92 18.64
N SER A 242 12.37 -7.71 19.14
CA SER A 242 11.27 -8.19 18.33
C SER A 242 9.95 -8.06 19.06
N GLY A 243 8.93 -7.74 18.28
CA GLY A 243 7.57 -7.60 18.76
C GLY A 243 6.74 -8.58 17.98
N SER A 244 5.94 -9.38 18.69
CA SER A 244 5.11 -10.36 18.02
C SER A 244 3.69 -10.25 18.41
N SER A 245 2.80 -10.80 17.56
CA SER A 245 1.36 -10.88 17.75
C SER A 245 0.97 -11.63 19.06
N ASP A 246 1.97 -12.15 19.78
CA ASP A 246 1.77 -12.82 21.07
C ASP A 246 1.67 -11.82 22.25
N GLY A 247 1.87 -10.51 21.95
CA GLY A 247 1.76 -9.42 22.93
C GLY A 247 3.01 -9.07 23.69
N THR A 248 4.14 -9.66 23.28
CA THR A 248 5.41 -9.44 23.97
C THR A 248 6.53 -8.91 23.11
N ILE A 249 7.40 -8.13 23.74
CA ILE A 249 8.64 -7.65 23.15
C ILE A 249 9.74 -8.59 23.70
N ARG A 250 10.52 -9.19 22.80
CA ARG A 250 11.59 -10.12 23.13
C ARG A 250 12.98 -9.58 22.75
N LEU A 251 13.91 -9.56 23.74
CA LEU A 251 15.30 -9.19 23.52
C LEU A 251 16.05 -10.49 23.20
N TRP A 252 16.93 -10.45 22.19
CA TRP A 252 17.68 -11.62 21.73
C TRP A 252 19.16 -11.29 21.68
N SER A 253 20.02 -12.27 22.04
CA SER A 253 21.46 -12.08 21.88
C SER A 253 21.87 -12.97 20.75
N LEU A 254 22.50 -12.36 19.76
CA LEU A 254 22.96 -13.06 18.57
C LEU A 254 24.27 -13.77 18.86
N GLY A 255 24.94 -13.35 19.95
CA GLY A 255 26.13 -13.99 20.49
C GLY A 255 25.70 -15.27 21.20
N GLN A 256 24.88 -15.13 22.28
CA GLN A 256 24.29 -16.21 23.10
C GLN A 256 23.33 -17.11 22.27
N GLN A 257 22.89 -16.62 21.10
CA GLN A 257 21.96 -17.26 20.15
C GLN A 257 20.62 -17.68 20.79
N ARG A 258 20.00 -16.73 21.54
CA ARG A 258 18.68 -16.90 22.17
C ARG A 258 18.13 -15.62 22.85
N CYS A 259 16.83 -15.70 23.19
CA CYS A 259 15.95 -14.73 23.85
C CYS A 259 16.46 -14.44 25.29
N ILE A 260 17.25 -13.38 25.45
CA ILE A 260 17.83 -13.02 26.74
C ILE A 260 16.82 -12.41 27.73
N ALA A 261 15.65 -11.92 27.25
CA ALA A 261 14.60 -11.33 28.10
C ALA A 261 13.27 -11.23 27.35
N THR A 262 12.15 -11.16 28.08
CA THR A 262 10.80 -11.05 27.53
C THR A 262 9.96 -10.06 28.33
N TYR A 263 9.46 -9.03 27.65
CA TYR A 263 8.68 -7.98 28.27
C TYR A 263 7.27 -8.00 27.74
N ARG A 264 6.27 -8.12 28.62
CA ARG A 264 4.85 -8.12 28.24
C ARG A 264 4.38 -6.73 28.49
N VAL A 265 4.27 -5.96 27.41
CA VAL A 265 3.92 -4.54 27.46
C VAL A 265 2.47 -4.29 27.05
N HIS A 266 1.99 -5.00 26.00
CA HIS A 266 0.64 -4.80 25.48
C HIS A 266 -0.32 -5.93 25.82
N ASP A 267 -1.59 -5.57 26.01
CA ASP A 267 -2.67 -6.51 26.31
C ASP A 267 -3.18 -7.15 25.02
N GLU A 268 -2.41 -7.10 23.91
CA GLU A 268 -2.72 -7.71 22.60
C GLU A 268 -1.50 -7.63 21.64
N GLY A 269 -1.65 -7.96 20.36
CA GLY A 269 -0.54 -7.93 19.41
C GLY A 269 0.31 -6.66 19.39
N VAL A 270 1.65 -6.80 19.23
CA VAL A 270 2.59 -5.67 19.15
C VAL A 270 3.16 -5.66 17.73
N TRP A 271 2.87 -4.59 16.98
CA TRP A 271 3.17 -4.47 15.55
C TRP A 271 4.22 -3.44 15.13
N ALA A 272 4.54 -2.50 16.02
CA ALA A 272 5.47 -1.44 15.71
C ALA A 272 6.37 -1.17 16.90
N LEU A 273 7.69 -1.10 16.62
CA LEU A 273 8.72 -0.83 17.60
C LEU A 273 9.71 0.18 17.04
N GLN A 274 10.24 1.03 17.94
CA GLN A 274 11.30 2.02 17.71
C GLN A 274 12.21 2.05 18.99
N VAL A 275 13.52 2.30 18.81
CA VAL A 275 14.51 2.41 19.90
C VAL A 275 15.27 3.72 19.83
N ASN A 276 15.81 4.16 20.97
CA ASN A 276 16.68 5.31 21.03
C ASN A 276 18.08 4.84 20.54
N ASP A 277 19.07 5.75 20.43
CA ASP A 277 20.39 5.35 19.96
C ASP A 277 21.14 4.44 20.97
N ALA A 278 20.82 4.58 22.27
CA ALA A 278 21.37 3.82 23.39
C ALA A 278 20.98 2.31 23.40
N PHE A 279 19.89 1.95 22.70
CA PHE A 279 19.27 0.62 22.64
C PHE A 279 18.83 0.21 24.06
N THR A 280 18.25 1.19 24.75
CA THR A 280 17.79 1.08 26.14
C THR A 280 16.30 1.41 26.30
N HIS A 281 15.77 2.34 25.50
CA HIS A 281 14.36 2.69 25.55
C HIS A 281 13.65 2.24 24.29
N VAL A 282 12.64 1.36 24.48
CA VAL A 282 11.84 0.79 23.39
C VAL A 282 10.44 1.42 23.38
N TYR A 283 9.99 1.78 22.17
CA TYR A 283 8.71 2.41 21.86
C TYR A 283 7.87 1.36 21.18
N SER A 284 6.65 1.15 21.68
CA SER A 284 5.82 0.08 21.14
C SER A 284 4.36 0.40 20.99
N GLY A 285 3.75 -0.28 20.02
CA GLY A 285 2.33 -0.20 19.74
C GLY A 285 1.90 -1.36 18.86
N GLY A 286 0.59 -1.60 18.86
CA GLY A 286 -0.03 -2.64 18.06
C GLY A 286 -1.54 -2.58 18.16
N ARG A 287 -2.21 -3.73 18.35
CA ARG A 287 -3.68 -3.78 18.37
C ARG A 287 -4.34 -2.99 19.49
N ASP A 288 -3.83 -3.05 20.72
CA ASP A 288 -4.48 -2.39 21.88
C ASP A 288 -4.48 -0.84 21.85
N ARG A 289 -3.86 -0.21 20.82
CA ARG A 289 -3.87 1.24 20.60
C ARG A 289 -3.02 2.05 21.58
N LYS A 290 -2.43 1.42 22.61
CA LYS A 290 -1.62 2.15 23.57
C LYS A 290 -0.17 2.27 23.08
N ILE A 291 0.42 3.45 23.20
CA ILE A 291 1.85 3.64 22.84
C ILE A 291 2.65 3.79 24.13
N TYR A 292 3.74 2.99 24.27
CA TYR A 292 4.57 2.97 25.47
C TYR A 292 6.05 3.11 25.20
N CYS A 293 6.75 3.86 26.10
CA CYS A 293 8.20 3.81 26.13
C CYS A 293 8.51 2.94 27.33
N THR A 294 9.35 1.93 27.14
CA THR A 294 9.73 0.98 28.18
C THR A 294 11.25 0.91 28.29
N ASP A 295 11.77 1.12 29.52
CA ASP A 295 13.20 1.07 29.84
C ASP A 295 13.61 -0.41 29.89
N LEU A 296 14.38 -0.89 28.91
CA LEU A 296 14.80 -2.31 28.86
C LEU A 296 15.63 -2.66 30.11
N ARG A 297 16.44 -1.68 30.58
CA ARG A 297 17.30 -1.79 31.76
C ARG A 297 16.39 -1.97 32.96
N ASN A 298 15.47 -1.02 33.24
CA ASN A 298 14.54 -1.13 34.36
C ASN A 298 13.07 -1.18 33.87
N PRO A 299 12.55 -2.40 33.56
CA PRO A 299 11.19 -2.52 32.99
C PRO A 299 10.04 -1.88 33.78
N ASP A 300 10.28 -1.57 35.05
CA ASP A 300 9.34 -0.96 35.98
C ASP A 300 8.88 0.39 35.43
N ILE A 301 9.86 1.14 34.85
CA ILE A 301 9.71 2.45 34.20
C ILE A 301 9.11 2.15 32.81
N ARG A 302 7.83 2.45 32.68
CA ARG A 302 7.06 2.21 31.47
C ARG A 302 6.04 3.32 31.37
N VAL A 303 6.31 4.26 30.45
CA VAL A 303 5.52 5.47 30.22
C VAL A 303 4.48 5.31 29.10
N LEU A 304 3.20 5.53 29.43
CA LEU A 304 2.11 5.51 28.44
C LEU A 304 2.13 6.84 27.72
N ILE A 305 2.73 6.87 26.49
CA ILE A 305 2.82 8.08 25.66
C ILE A 305 1.39 8.58 25.36
N CYS A 306 0.55 7.68 24.79
CA CYS A 306 -0.82 8.00 24.38
C CYS A 306 -1.64 6.74 24.11
N GLU A 307 -2.93 6.94 23.82
CA GLU A 307 -3.81 5.89 23.38
C GLU A 307 -4.50 6.36 22.08
N GLU A 308 -4.01 5.85 20.93
CA GLU A 308 -4.51 6.19 19.61
C GLU A 308 -5.97 5.74 19.37
N LYS A 309 -6.60 6.31 18.34
CA LYS A 309 -7.99 6.04 18.01
C LYS A 309 -8.18 4.75 17.15
N ALA A 310 -7.06 4.07 16.80
CA ALA A 310 -7.09 2.83 16.04
C ALA A 310 -5.79 2.10 16.23
N PRO A 311 -5.76 0.73 16.06
CA PRO A 311 -4.49 -0.01 16.21
C PRO A 311 -3.32 0.58 15.41
N VAL A 312 -2.17 0.67 16.08
CA VAL A 312 -0.88 1.19 15.61
C VAL A 312 -0.27 0.18 14.63
N LEU A 313 0.12 0.64 13.44
CA LEU A 313 0.68 -0.22 12.41
C LEU A 313 2.17 0.00 12.27
N LYS A 314 2.63 1.24 12.45
CA LYS A 314 4.02 1.63 12.33
C LYS A 314 4.27 2.96 13.02
N MET A 315 5.48 3.16 13.52
CA MET A 315 5.88 4.39 14.19
C MET A 315 7.25 4.83 13.67
N GLU A 316 7.53 6.13 13.73
CA GLU A 316 8.78 6.72 13.28
C GLU A 316 9.15 7.81 14.28
N LEU A 317 10.29 7.65 14.95
CA LEU A 317 10.76 8.62 15.95
C LEU A 317 11.41 9.80 15.25
N ASP A 318 11.40 10.96 15.93
CA ASP A 318 12.09 12.16 15.47
C ASP A 318 13.49 12.03 16.06
N ARG A 319 14.50 11.88 15.21
CA ARG A 319 15.86 11.68 15.71
C ARG A 319 16.72 12.97 15.69
N SER A 320 16.07 14.14 15.52
CA SER A 320 16.71 15.45 15.50
C SER A 320 17.49 15.70 16.83
N ALA A 321 16.89 15.25 17.95
CA ALA A 321 17.45 15.37 19.29
C ALA A 321 17.48 14.02 20.04
N ASP A 322 18.38 13.92 21.03
CA ASP A 322 18.46 12.80 21.96
C ASP A 322 18.25 13.39 23.36
N PRO A 323 17.18 12.99 24.08
CA PRO A 323 16.18 11.96 23.74
C PRO A 323 15.22 12.40 22.62
N PRO A 324 14.68 11.46 21.78
CA PRO A 324 13.76 11.86 20.69
C PRO A 324 12.64 12.78 21.13
N PRO A 325 12.49 13.95 20.43
CA PRO A 325 11.50 14.97 20.85
C PRO A 325 10.05 14.63 20.57
N ALA A 326 9.81 13.81 19.52
CA ALA A 326 8.47 13.43 19.06
C ALA A 326 8.44 12.07 18.35
N ILE A 327 7.23 11.49 18.24
CA ILE A 327 6.99 10.23 17.53
C ILE A 327 5.81 10.36 16.52
N TRP A 328 6.06 9.98 15.26
CA TRP A 328 5.07 9.96 14.19
C TRP A 328 4.42 8.59 14.20
N VAL A 329 3.08 8.56 14.21
CA VAL A 329 2.29 7.33 14.34
C VAL A 329 1.31 7.05 13.19
N ALA A 330 1.49 5.86 12.56
CA ALA A 330 0.61 5.34 11.50
C ALA A 330 -0.30 4.24 12.09
N THR A 331 -1.60 4.36 11.80
CA THR A 331 -2.60 3.41 12.26
C THR A 331 -3.41 2.94 11.05
N THR A 332 -4.46 2.24 11.38
CA THR A 332 -5.48 1.70 10.51
C THR A 332 -6.31 2.84 9.88
N LYS A 333 -6.33 4.03 10.54
CA LYS A 333 -7.03 5.24 10.07
C LYS A 333 -6.15 5.97 9.08
N SER A 334 -6.74 6.93 8.34
CA SER A 334 -6.11 7.74 7.28
C SER A 334 -5.31 8.92 7.82
N THR A 335 -5.67 9.35 9.03
CA THR A 335 -5.02 10.43 9.77
C THR A 335 -3.67 9.96 10.33
N VAL A 336 -2.63 10.79 10.16
CA VAL A 336 -1.29 10.53 10.70
C VAL A 336 -1.05 11.59 11.78
N ASN A 337 -0.52 11.19 12.94
CA ASN A 337 -0.30 12.08 14.07
C ASN A 337 1.11 12.09 14.56
N LYS A 338 1.48 13.17 15.21
CA LYS A 338 2.78 13.36 15.82
C LYS A 338 2.46 13.58 17.27
N TRP A 339 3.17 12.87 18.15
CA TRP A 339 3.00 13.02 19.59
C TRP A 339 4.34 13.49 20.13
N THR A 340 4.33 14.51 21.03
CA THR A 340 5.56 15.06 21.64
C THR A 340 5.99 14.16 22.77
N LEU A 341 7.30 13.90 22.82
CA LEU A 341 7.93 13.07 23.85
C LEU A 341 8.75 13.97 24.78
N LYS A 342 8.53 15.30 24.66
CA LYS A 342 9.23 16.35 25.37
C LYS A 342 9.23 16.22 26.90
N GLY A 343 8.08 15.91 27.48
CA GLY A 343 7.97 15.82 28.93
C GLY A 343 8.14 14.45 29.56
N ILE A 344 8.63 13.42 28.81
CA ILE A 344 8.80 12.05 29.33
C ILE A 344 9.67 12.02 30.58
N HIS A 345 10.91 12.54 30.48
CA HIS A 345 11.90 12.56 31.57
C HIS A 345 11.38 13.17 32.88
N ASN A 346 10.62 14.25 32.78
CA ASN A 346 10.04 15.00 33.89
C ASN A 346 8.85 14.26 34.50
N PHE A 347 8.10 13.53 33.66
CA PHE A 347 6.96 12.69 34.01
C PHE A 347 7.46 11.35 34.57
N ARG A 348 8.73 10.98 34.23
CA ARG A 348 9.46 9.77 34.63
C ARG A 348 9.90 9.88 36.09
N ALA A 349 10.34 11.09 36.52
CA ALA A 349 10.74 11.40 37.90
C ALA A 349 9.49 11.52 38.81
N SER A 350 8.36 12.02 38.25
CA SER A 350 7.08 12.17 38.96
C SER A 350 5.95 11.27 38.36
N GLY A 351 6.20 9.97 38.33
CA GLY A 351 5.24 8.98 37.81
C GLY A 351 5.85 7.99 36.84
N PRO A 360 -6.81 4.09 35.95
CA PRO A 360 -6.01 5.16 36.58
C PRO A 360 -4.68 5.49 35.88
N ILE A 361 -4.34 4.77 34.76
CA ILE A 361 -3.09 5.05 34.00
C ILE A 361 -3.32 6.33 33.19
N THR A 362 -2.55 7.37 33.53
CA THR A 362 -2.60 8.71 32.93
C THR A 362 -1.62 8.82 31.76
N PRO A 363 -2.09 9.13 30.53
CA PRO A 363 -1.17 9.21 29.39
C PRO A 363 -0.37 10.50 29.36
N LEU A 364 0.87 10.43 28.84
CA LEU A 364 1.74 11.60 28.70
C LEU A 364 1.02 12.66 27.88
N CYS A 365 0.50 12.26 26.71
CA CYS A 365 -0.21 13.12 25.76
C CYS A 365 -1.66 12.70 25.67
N THR A 366 -2.56 13.68 25.49
CA THR A 366 -4.01 13.48 25.32
C THR A 366 -4.38 13.82 23.87
N GLN A 367 -3.75 14.88 23.32
CA GLN A 367 -3.97 15.34 21.94
C GLN A 367 -2.65 15.36 21.16
N PRO A 368 -2.67 15.06 19.84
CA PRO A 368 -1.42 15.11 19.07
C PRO A 368 -0.91 16.53 18.86
N ASP A 369 0.40 16.66 18.72
CA ASP A 369 1.09 17.93 18.49
C ASP A 369 0.78 18.41 17.07
N GLN A 370 0.75 17.47 16.10
CA GLN A 370 0.49 17.75 14.69
C GLN A 370 -0.37 16.63 14.07
N VAL A 371 -1.37 17.02 13.29
CA VAL A 371 -2.28 16.07 12.64
C VAL A 371 -2.23 16.23 11.14
N ILE A 372 -1.88 15.18 10.44
CA ILE A 372 -1.95 15.17 8.98
C ILE A 372 -3.34 14.61 8.66
N LYS A 373 -4.18 15.39 7.99
CA LYS A 373 -5.56 15.01 7.71
C LYS A 373 -5.70 13.74 6.84
N GLY A 374 -6.79 13.03 7.07
CA GLY A 374 -7.05 11.81 6.31
C GLY A 374 -8.40 11.86 5.62
N GLY A 375 -8.51 11.12 4.52
CA GLY A 375 -9.73 11.01 3.76
C GLY A 375 -10.61 9.90 4.28
N ALA A 376 -11.71 9.59 3.57
CA ALA A 376 -12.64 8.54 3.95
C ALA A 376 -12.35 7.26 3.18
N SER A 377 -12.66 6.11 3.81
CA SER A 377 -12.49 4.82 3.18
C SER A 377 -13.88 4.26 2.99
N ILE A 378 -14.12 3.70 1.80
CA ILE A 378 -15.35 3.00 1.48
C ILE A 378 -15.14 1.64 2.12
N ILE A 379 -15.97 1.34 3.09
CA ILE A 379 -15.89 0.12 3.90
C ILE A 379 -17.02 -0.84 3.61
N GLN A 380 -18.10 -0.36 2.96
CA GLN A 380 -19.26 -1.18 2.59
C GLN A 380 -19.66 -0.79 1.20
N CYS A 381 -20.03 -1.79 0.39
CA CYS A 381 -20.46 -1.59 -0.99
C CYS A 381 -21.54 -2.60 -1.43
N HIS A 382 -22.46 -2.17 -2.29
CA HIS A 382 -23.52 -3.02 -2.78
C HIS A 382 -23.72 -2.81 -4.26
N ILE A 383 -23.54 -3.87 -5.06
CA ILE A 383 -23.78 -3.81 -6.50
C ILE A 383 -25.29 -3.96 -6.69
N LEU A 384 -25.93 -2.98 -7.33
CA LEU A 384 -27.36 -3.03 -7.57
C LEU A 384 -27.71 -4.07 -8.62
N ASN A 385 -28.99 -4.45 -8.65
CA ASN A 385 -29.52 -5.53 -9.49
C ASN A 385 -29.30 -5.33 -10.97
N ASP A 386 -29.10 -4.06 -11.42
CA ASP A 386 -28.82 -3.71 -12.84
C ASP A 386 -27.39 -3.98 -13.26
N LYS A 387 -26.55 -4.44 -12.30
CA LYS A 387 -25.13 -4.76 -12.48
C LYS A 387 -24.34 -3.56 -13.08
N ARG A 388 -24.73 -2.30 -12.72
CA ARG A 388 -24.13 -1.07 -13.23
C ARG A 388 -23.97 -0.04 -12.10
N HIS A 389 -24.93 -0.01 -11.17
CA HIS A 389 -24.88 0.95 -10.09
C HIS A 389 -24.39 0.37 -8.78
N ILE A 390 -23.66 1.18 -8.01
CA ILE A 390 -23.05 0.74 -6.76
C ILE A 390 -23.39 1.73 -5.68
N LEU A 391 -23.74 1.18 -4.51
CA LEU A 391 -24.03 1.96 -3.33
C LEU A 391 -22.88 1.72 -2.40
N THR A 392 -22.37 2.78 -1.76
CA THR A 392 -21.25 2.63 -0.83
C THR A 392 -21.50 3.41 0.45
N LYS A 393 -20.91 2.94 1.57
CA LYS A 393 -20.91 3.60 2.86
C LYS A 393 -19.43 3.80 3.18
N ASP A 394 -19.07 4.97 3.69
CA ASP A 394 -17.69 5.23 4.02
C ASP A 394 -17.49 5.48 5.51
N THR A 395 -16.25 5.63 5.94
CA THR A 395 -15.88 5.83 7.32
C THR A 395 -16.51 7.08 7.96
N ASN A 396 -17.07 8.00 7.18
CA ASN A 396 -17.77 9.20 7.71
C ASN A 396 -19.28 9.00 7.69
N ASN A 397 -19.73 7.82 7.23
CA ASN A 397 -21.12 7.38 7.13
C ASN A 397 -21.83 8.00 5.96
N ASN A 398 -21.05 8.47 4.98
CA ASN A 398 -21.67 9.08 3.82
C ASN A 398 -21.96 8.01 2.80
N VAL A 399 -23.21 7.99 2.31
CA VAL A 399 -23.64 7.04 1.30
C VAL A 399 -23.54 7.73 -0.08
N ALA A 400 -23.11 6.98 -1.11
CA ALA A 400 -22.95 7.53 -2.46
C ALA A 400 -23.27 6.50 -3.53
N TYR A 401 -23.88 6.98 -4.62
CA TYR A 401 -24.31 6.22 -5.77
C TYR A 401 -23.23 6.39 -6.86
N TRP A 402 -22.88 5.30 -7.53
CA TRP A 402 -21.81 5.27 -8.52
C TRP A 402 -22.27 4.56 -9.74
N ASP A 403 -21.63 4.85 -10.87
CA ASP A 403 -21.89 4.25 -12.17
C ASP A 403 -20.58 3.61 -12.58
N VAL A 404 -20.61 2.27 -12.67
CA VAL A 404 -19.47 1.43 -12.97
C VAL A 404 -19.11 1.61 -14.40
N LEU A 405 -20.11 1.47 -15.31
CA LEU A 405 -19.93 1.60 -16.76
C LEU A 405 -19.31 2.96 -17.13
N LYS A 406 -19.79 4.06 -16.55
CA LYS A 406 -19.24 5.40 -16.81
C LYS A 406 -18.13 5.77 -15.79
N ALA A 407 -17.59 4.77 -15.06
CA ALA A 407 -16.52 4.94 -14.07
C ALA A 407 -16.60 6.23 -13.28
N CYS A 408 -17.77 6.53 -12.70
CA CYS A 408 -17.94 7.79 -11.96
C CYS A 408 -18.95 7.71 -10.85
N LYS A 409 -18.88 8.70 -9.96
CA LYS A 409 -19.86 8.93 -8.90
C LYS A 409 -21.05 9.52 -9.65
N VAL A 410 -22.26 9.36 -9.11
CA VAL A 410 -23.42 9.97 -9.73
C VAL A 410 -24.07 10.91 -8.73
N GLU A 411 -24.12 10.49 -7.46
CA GLU A 411 -24.76 11.28 -6.42
C GLU A 411 -24.14 10.99 -5.06
N ASP A 412 -24.19 11.97 -4.16
CA ASP A 412 -23.77 11.87 -2.79
C ASP A 412 -25.06 11.97 -2.00
N LEU A 413 -25.51 10.83 -1.47
CA LEU A 413 -26.78 10.69 -0.76
C LEU A 413 -26.72 11.16 0.68
N GLY A 414 -25.51 11.36 1.19
CA GLY A 414 -25.30 11.81 2.56
C GLY A 414 -25.44 10.69 3.57
N LYS A 415 -25.58 11.07 4.85
CA LYS A 415 -25.70 10.11 5.93
C LYS A 415 -27.08 9.35 5.98
N VAL A 416 -27.63 8.91 4.81
CA VAL A 416 -28.88 8.12 4.79
C VAL A 416 -28.63 6.71 5.43
N ASP A 417 -29.73 6.04 5.91
CA ASP A 417 -29.65 4.67 6.45
C ASP A 417 -29.25 3.76 5.25
N PHE A 418 -28.06 3.18 5.31
CA PHE A 418 -27.49 2.40 4.22
C PHE A 418 -28.25 1.15 3.87
N GLU A 419 -28.58 0.30 4.86
CA GLU A 419 -29.31 -0.95 4.59
C GLU A 419 -30.75 -0.69 4.05
N ASP A 420 -31.36 0.45 4.47
CA ASP A 420 -32.66 0.89 3.97
C ASP A 420 -32.49 1.40 2.55
N GLU A 421 -31.37 2.12 2.29
CA GLU A 421 -31.04 2.64 0.98
C GLU A 421 -30.88 1.50 0.01
N ILE A 422 -30.13 0.45 0.41
CA ILE A 422 -29.97 -0.75 -0.43
C ILE A 422 -31.35 -1.24 -0.89
N LYS A 423 -32.30 -1.36 0.07
CA LYS A 423 -33.67 -1.82 -0.17
C LYS A 423 -34.43 -0.86 -1.09
N LYS A 424 -34.43 0.45 -0.74
CA LYS A 424 -35.15 1.48 -1.52
C LYS A 424 -34.79 1.35 -2.98
N ARG A 425 -33.51 1.11 -3.24
CA ARG A 425 -32.97 1.02 -4.57
C ARG A 425 -33.01 -0.41 -5.15
N PHE A 426 -33.97 -1.24 -4.69
CA PHE A 426 -34.15 -2.58 -5.26
C PHE A 426 -34.77 -2.40 -6.64
N LYS A 427 -34.10 -2.99 -7.65
CA LYS A 427 -34.53 -3.01 -9.05
C LYS A 427 -34.87 -4.48 -9.35
N MET A 428 -36.06 -4.70 -9.91
CA MET A 428 -36.51 -6.03 -10.26
C MET A 428 -35.98 -6.42 -11.66
N VAL A 429 -34.65 -6.62 -11.79
CA VAL A 429 -33.99 -7.01 -13.07
C VAL A 429 -32.89 -8.01 -12.84
N TYR A 430 -32.51 -8.71 -13.90
CA TYR A 430 -31.38 -9.64 -13.85
C TYR A 430 -30.44 -9.36 -14.99
N VAL A 431 -29.17 -9.20 -14.65
CA VAL A 431 -28.05 -8.96 -15.55
C VAL A 431 -26.90 -9.84 -15.02
N PRO A 432 -26.33 -10.70 -15.84
CA PRO A 432 -25.23 -11.55 -15.34
C PRO A 432 -24.06 -10.74 -14.75
N ASN A 433 -23.31 -11.33 -13.80
CA ASN A 433 -22.15 -10.62 -13.25
C ASN A 433 -21.10 -10.50 -14.36
N TRP A 434 -20.60 -9.27 -14.58
CA TRP A 434 -19.61 -9.01 -15.62
C TRP A 434 -18.34 -8.34 -15.08
N PHE A 435 -18.28 -8.04 -13.76
CA PHE A 435 -17.11 -7.48 -13.09
C PHE A 435 -17.06 -7.88 -11.60
N SER A 436 -15.91 -7.71 -10.95
CA SER A 436 -15.75 -7.89 -9.52
C SER A 436 -15.39 -6.51 -8.89
N VAL A 437 -15.51 -6.40 -7.55
CA VAL A 437 -15.23 -5.14 -6.87
C VAL A 437 -14.31 -5.39 -5.70
N ASP A 438 -13.34 -4.50 -5.46
CA ASP A 438 -12.50 -4.58 -4.27
C ASP A 438 -12.48 -3.20 -3.60
N LEU A 439 -12.19 -3.16 -2.29
CA LEU A 439 -12.17 -1.94 -1.50
C LEU A 439 -10.90 -1.88 -0.67
N LYS A 440 -9.85 -2.62 -1.06
CA LYS A 440 -8.68 -2.62 -0.19
C LYS A 440 -7.88 -1.31 -0.21
N THR A 441 -8.25 -0.36 -1.09
CA THR A 441 -7.60 0.97 -1.13
C THR A 441 -8.47 2.08 -0.47
N GLY A 442 -9.68 1.73 -0.07
CA GLY A 442 -10.65 2.67 0.48
C GLY A 442 -11.36 3.38 -0.65
N MET A 443 -11.04 2.98 -1.90
CA MET A 443 -11.62 3.48 -3.15
C MET A 443 -12.15 2.26 -3.92
N LEU A 444 -13.09 2.49 -4.86
CA LEU A 444 -13.66 1.42 -5.66
C LEU A 444 -12.69 0.96 -6.74
N THR A 445 -12.29 -0.32 -6.75
CA THR A 445 -11.45 -0.85 -7.84
C THR A 445 -12.24 -1.96 -8.52
N ILE A 446 -12.50 -1.79 -9.83
CA ILE A 446 -13.27 -2.72 -10.67
C ILE A 446 -12.34 -3.58 -11.46
N THR A 447 -12.61 -4.89 -11.50
CA THR A 447 -11.77 -5.82 -12.25
C THR A 447 -12.57 -6.60 -13.24
N LEU A 448 -12.06 -6.65 -14.49
CA LEU A 448 -12.64 -7.39 -15.60
C LEU A 448 -11.82 -8.63 -15.94
N ASP A 449 -12.50 -9.77 -16.02
CA ASP A 449 -11.86 -11.03 -16.37
C ASP A 449 -12.47 -11.54 -17.67
N GLU A 450 -11.66 -12.26 -18.47
CA GLU A 450 -12.07 -12.87 -19.74
C GLU A 450 -13.33 -13.74 -19.56
N SER A 451 -13.35 -14.50 -18.46
CA SER A 451 -14.38 -15.43 -18.05
C SER A 451 -15.79 -14.84 -17.96
N ASP A 452 -15.96 -13.56 -17.64
CA ASP A 452 -17.31 -13.00 -17.53
C ASP A 452 -17.44 -11.51 -17.95
N CYS A 453 -16.35 -10.88 -18.47
CA CYS A 453 -16.37 -9.49 -18.92
C CYS A 453 -17.52 -9.19 -19.90
N PHE A 454 -17.74 -10.12 -20.84
CA PHE A 454 -18.81 -10.07 -21.82
C PHE A 454 -19.74 -11.16 -21.35
N ALA A 455 -20.90 -10.75 -20.80
CA ALA A 455 -21.92 -11.62 -20.19
C ALA A 455 -23.20 -10.80 -20.05
N ALA A 456 -23.03 -9.48 -19.85
CA ALA A 456 -24.11 -8.55 -19.65
C ALA A 456 -24.51 -7.87 -20.96
N TRP A 457 -25.63 -8.31 -21.55
CA TRP A 457 -26.16 -7.71 -22.76
C TRP A 457 -27.41 -6.96 -22.37
N VAL A 458 -27.38 -5.63 -22.46
CA VAL A 458 -28.54 -4.80 -22.10
C VAL A 458 -28.94 -3.93 -23.28
N SER A 459 -30.22 -3.57 -23.35
CA SER A 459 -30.77 -2.72 -24.40
C SER A 459 -30.19 -1.33 -24.27
N ALA A 460 -29.95 -0.65 -25.39
CA ALA A 460 -29.43 0.71 -25.37
C ALA A 460 -30.36 1.65 -24.57
N LYS A 461 -31.69 1.58 -24.81
CA LYS A 461 -32.73 2.37 -24.13
C LYS A 461 -32.69 2.10 -22.63
N ASP A 462 -32.46 0.81 -22.25
CA ASP A 462 -32.32 0.30 -20.88
C ASP A 462 -31.09 0.91 -20.22
N ALA A 463 -29.93 0.86 -20.92
CA ALA A 463 -28.65 1.43 -20.48
C ALA A 463 -28.67 2.97 -20.43
N GLY A 464 -29.83 3.56 -20.71
CA GLY A 464 -30.04 5.00 -20.70
C GLY A 464 -29.41 5.74 -21.87
N PHE A 465 -29.06 4.98 -22.93
CA PHE A 465 -28.46 5.48 -24.14
C PHE A 465 -29.52 5.53 -25.23
N SER A 466 -30.33 6.59 -25.18
CA SER A 466 -31.39 6.83 -26.17
C SER A 466 -30.73 7.30 -27.49
N SER A 467 -31.13 6.64 -28.61
CA SER A 467 -30.68 6.95 -29.98
C SER A 467 -31.92 7.21 -30.89
N PRO A 468 -32.54 8.45 -30.85
CA PRO A 468 -33.75 8.69 -31.65
C PRO A 468 -33.52 8.85 -33.16
N ASP A 469 -34.19 8.01 -34.01
CA ASP A 469 -35.08 6.94 -33.57
C ASP A 469 -34.69 5.56 -34.16
N GLY A 470 -33.45 5.47 -34.69
CA GLY A 470 -32.82 4.23 -35.12
C GLY A 470 -32.33 3.61 -33.82
N SER A 471 -33.30 3.11 -33.02
CA SER A 471 -33.21 2.70 -31.63
C SER A 471 -33.09 1.20 -31.29
N ASP A 472 -32.84 0.99 -29.97
CA ASP A 472 -32.74 -0.19 -29.12
C ASP A 472 -31.81 -1.36 -29.57
N PRO A 473 -30.52 -1.11 -29.92
CA PRO A 473 -29.63 -2.25 -30.16
C PRO A 473 -29.19 -2.90 -28.82
N LYS A 474 -28.76 -4.15 -28.89
CA LYS A 474 -28.30 -4.85 -27.68
C LYS A 474 -26.80 -4.67 -27.44
N LEU A 475 -26.45 -3.72 -26.53
CA LEU A 475 -25.05 -3.41 -26.18
C LEU A 475 -24.50 -4.34 -25.09
N ASN A 476 -23.23 -4.78 -25.24
CA ASN A 476 -22.49 -5.60 -24.26
C ASN A 476 -21.75 -4.62 -23.33
N LEU A 477 -22.13 -4.62 -22.03
CA LEU A 477 -21.57 -3.70 -21.04
C LEU A 477 -20.03 -3.78 -20.93
N GLY A 478 -19.47 -4.98 -20.79
CA GLY A 478 -18.02 -5.16 -20.69
C GLY A 478 -17.23 -4.71 -21.90
N GLY A 479 -17.83 -4.85 -23.09
CA GLY A 479 -17.26 -4.46 -24.38
C GLY A 479 -17.10 -2.96 -24.42
N LEU A 480 -18.23 -2.27 -24.35
CA LEU A 480 -18.30 -0.83 -24.31
C LEU A 480 -17.31 -0.25 -23.28
N LEU A 481 -17.28 -0.81 -22.05
CA LEU A 481 -16.37 -0.33 -21.02
C LEU A 481 -14.90 -0.52 -21.42
N LEU A 482 -14.55 -1.65 -22.08
CA LEU A 482 -13.16 -1.88 -22.50
C LEU A 482 -12.72 -0.85 -23.56
N GLN A 483 -13.62 -0.60 -24.53
CA GLN A 483 -13.46 0.36 -25.63
C GLN A 483 -13.21 1.75 -25.05
N ALA A 484 -14.03 2.17 -24.07
CA ALA A 484 -13.87 3.47 -23.41
C ALA A 484 -12.59 3.56 -22.61
N LEU A 485 -12.12 2.43 -22.03
CA LEU A 485 -10.90 2.42 -21.21
C LEU A 485 -9.67 2.61 -22.05
N LEU A 486 -9.63 1.96 -23.23
CA LEU A 486 -8.53 2.05 -24.20
C LEU A 486 -8.88 3.01 -25.40
N GLU A 487 -9.63 4.09 -25.10
CA GLU A 487 -10.09 5.09 -26.09
C GLU A 487 -8.93 5.87 -26.73
N TYR A 488 -7.94 6.26 -25.92
CA TYR A 488 -6.80 7.07 -26.34
C TYR A 488 -5.73 6.19 -26.98
N TRP A 489 -5.92 4.83 -26.98
CA TRP A 489 -4.98 3.92 -27.63
C TRP A 489 -5.19 4.09 -29.15
N PRO A 490 -4.16 4.54 -29.93
CA PRO A 490 -4.37 4.75 -31.38
C PRO A 490 -4.73 3.47 -32.17
N ARG A 491 -4.19 2.29 -31.76
CA ARG A 491 -4.45 0.98 -32.37
C ARG A 491 -5.94 0.67 -32.56
N THR A 492 -6.80 1.27 -31.72
CA THR A 492 -8.24 1.08 -31.68
C THR A 492 -9.04 2.09 -32.53
N HIS A 493 -8.41 2.69 -33.57
CA HIS A 493 -9.10 3.67 -34.43
C HIS A 493 -9.27 3.18 -35.88
N VAL A 494 -8.13 2.85 -36.56
CA VAL A 494 -8.00 2.39 -37.97
C VAL A 494 -6.50 1.99 -38.24
N ASN A 495 -6.23 1.32 -39.41
CA ASN A 495 -4.86 0.95 -39.82
C ASN A 495 -4.61 1.16 -41.36
N PRO A 496 -5.08 0.35 -42.36
CA PRO A 496 -5.95 -0.83 -42.31
C PRO A 496 -5.25 -2.21 -42.38
N MET A 497 -6.00 -3.27 -42.00
CA MET A 497 -5.57 -4.67 -42.07
C MET A 497 -6.46 -5.34 -43.15
N ASP A 498 -6.14 -5.06 -44.44
CA ASP A 498 -6.85 -5.58 -45.61
C ASP A 498 -6.47 -7.04 -45.87
N LYS A 517 -12.90 5.38 -32.89
CA LYS A 517 -12.65 6.39 -31.84
C LYS A 517 -12.99 5.85 -30.43
N GLY A 518 -14.22 6.11 -29.96
CA GLY A 518 -14.72 5.65 -28.67
C GLY A 518 -15.51 4.37 -28.82
N ASN A 519 -16.55 4.21 -27.98
CA ASN A 519 -17.46 3.06 -28.03
C ASN A 519 -18.79 3.53 -28.66
N GLY A 520 -18.91 4.86 -28.79
CA GLY A 520 -20.05 5.52 -29.41
C GLY A 520 -21.11 5.97 -28.43
N TYR A 521 -21.05 5.45 -27.20
CA TYR A 521 -22.06 5.76 -26.20
C TYR A 521 -21.57 6.63 -25.06
N PHE A 522 -20.38 6.36 -24.51
CA PHE A 522 -19.90 7.12 -23.35
C PHE A 522 -18.38 7.20 -23.26
N GLN A 523 -17.93 8.11 -22.37
CA GLN A 523 -16.51 8.30 -22.06
C GLN A 523 -16.31 8.14 -20.57
N VAL A 524 -15.17 7.57 -20.22
CA VAL A 524 -14.74 7.34 -18.86
C VAL A 524 -13.88 8.57 -18.45
N PRO A 525 -13.87 9.00 -17.16
CA PRO A 525 -13.01 10.13 -16.78
C PRO A 525 -11.58 9.89 -17.29
N PRO A 526 -10.94 10.84 -18.01
CA PRO A 526 -9.64 10.56 -18.64
C PRO A 526 -8.49 10.24 -17.71
N HIS A 527 -8.57 10.71 -16.45
CA HIS A 527 -7.58 10.47 -15.42
C HIS A 527 -7.73 9.06 -14.77
N THR A 528 -8.78 8.29 -15.18
CA THR A 528 -9.07 6.93 -14.69
C THR A 528 -7.85 6.03 -14.87
N PRO A 529 -7.21 5.51 -13.79
CA PRO A 529 -6.06 4.64 -13.98
C PRO A 529 -6.54 3.33 -14.58
N VAL A 530 -5.81 2.85 -15.59
CA VAL A 530 -6.13 1.57 -16.21
C VAL A 530 -4.96 0.63 -15.89
N ILE A 531 -5.22 -0.42 -15.07
CA ILE A 531 -4.22 -1.39 -14.58
C ILE A 531 -4.34 -2.71 -15.34
N PHE A 532 -3.18 -3.36 -15.67
CA PHE A 532 -3.09 -4.65 -16.38
C PHE A 532 -2.30 -5.55 -15.47
N GLY A 533 -2.90 -6.68 -15.09
CA GLY A 533 -2.23 -7.57 -14.15
C GLY A 533 -2.61 -9.03 -14.25
N GLU A 534 -1.67 -9.88 -13.85
CA GLU A 534 -1.86 -11.33 -13.85
C GLU A 534 -2.90 -11.66 -12.79
N ALA A 535 -3.85 -12.56 -13.10
CA ALA A 535 -4.89 -12.96 -12.16
C ALA A 535 -4.25 -13.57 -10.91
N GLY A 536 -3.26 -14.42 -11.12
CA GLY A 536 -2.54 -15.02 -10.01
C GLY A 536 -1.85 -14.03 -9.09
N GLY A 537 -1.27 -12.96 -9.67
CA GLY A 537 -0.57 -11.99 -8.84
C GLY A 537 0.00 -10.73 -9.44
N ARG A 538 1.21 -10.85 -10.05
CA ARG A 538 2.00 -9.73 -10.58
C ARG A 538 1.22 -8.67 -11.38
N THR A 539 1.35 -7.40 -10.95
CA THR A 539 0.76 -6.28 -11.68
C THR A 539 1.73 -6.03 -12.86
N LEU A 540 1.19 -5.97 -14.10
CA LEU A 540 2.00 -5.81 -15.29
C LEU A 540 2.24 -4.35 -15.74
N PHE A 541 1.16 -3.53 -15.89
CA PHE A 541 1.30 -2.15 -16.37
C PHE A 541 0.17 -1.23 -15.91
N ARG A 542 0.52 -0.06 -15.34
CA ARG A 542 -0.46 0.95 -14.91
C ARG A 542 -0.25 2.22 -15.73
N LEU A 543 -1.32 2.70 -16.41
CA LEU A 543 -1.30 3.95 -17.15
C LEU A 543 -2.61 4.71 -16.96
N LEU A 544 -2.63 6.01 -17.20
CA LEU A 544 -3.88 6.74 -17.12
C LEU A 544 -4.59 6.56 -18.44
N CYS A 545 -5.91 6.69 -18.48
CA CYS A 545 -6.72 6.50 -19.69
C CYS A 545 -6.21 7.42 -20.81
N ARG A 546 -6.07 8.73 -20.49
CA ARG A 546 -5.63 9.78 -21.38
C ARG A 546 -4.20 9.52 -21.96
N ASP A 547 -3.37 8.74 -21.26
CA ASP A 547 -2.00 8.48 -21.72
C ASP A 547 -1.89 7.38 -22.77
N SER A 548 -2.97 6.72 -23.16
CA SER A 548 -2.85 5.63 -24.15
C SER A 548 -2.36 6.10 -25.54
N GLY A 549 -2.47 7.41 -25.81
CA GLY A 549 -2.04 8.11 -27.03
C GLY A 549 -0.54 8.11 -27.26
N GLY A 550 0.21 8.48 -26.21
CA GLY A 550 1.66 8.50 -26.18
C GLY A 550 2.27 7.27 -26.83
N GLU A 551 3.33 7.47 -27.60
CA GLU A 551 4.00 6.41 -28.35
C GLU A 551 4.64 5.36 -27.51
N THR A 552 5.27 5.76 -26.38
CA THR A 552 5.93 4.75 -25.56
C THR A 552 4.91 3.97 -24.74
N GLU A 553 3.76 4.60 -24.44
CA GLU A 553 2.66 3.97 -23.72
C GLU A 553 2.04 2.93 -24.62
N SER A 554 1.70 3.32 -25.87
CA SER A 554 1.11 2.42 -26.88
C SER A 554 2.04 1.24 -27.17
N MET A 555 3.35 1.46 -27.07
CA MET A 555 4.33 0.41 -27.26
C MET A 555 4.24 -0.63 -26.16
N LEU A 556 3.96 -0.19 -24.92
CA LEU A 556 3.83 -1.06 -23.75
C LEU A 556 2.47 -1.74 -23.73
N LEU A 557 1.41 -1.01 -24.12
CA LEU A 557 0.07 -1.57 -24.24
C LEU A 557 0.11 -2.74 -25.22
N ASN A 558 0.83 -2.57 -26.33
CA ASN A 558 1.02 -3.61 -27.34
C ASN A 558 1.62 -4.92 -26.74
N GLU A 559 2.51 -4.83 -25.74
CA GLU A 559 3.09 -6.04 -25.10
C GLU A 559 2.26 -6.64 -23.93
N THR A 560 1.50 -5.78 -23.17
CA THR A 560 0.72 -6.24 -22.02
C THR A 560 -0.79 -6.53 -22.30
N VAL A 561 -1.50 -5.66 -23.09
CA VAL A 561 -2.92 -5.86 -23.41
C VAL A 561 -3.15 -7.30 -23.88
N PRO A 562 -3.99 -8.11 -23.18
CA PRO A 562 -4.16 -9.51 -23.62
C PRO A 562 -5.09 -9.62 -24.83
N GLN A 563 -4.98 -10.75 -25.56
CA GLN A 563 -5.73 -11.01 -26.78
C GLN A 563 -7.23 -10.80 -26.66
N TRP A 564 -7.81 -11.28 -25.53
CA TRP A 564 -9.24 -11.22 -25.25
C TRP A 564 -9.76 -9.79 -25.25
N VAL A 565 -8.85 -8.81 -25.05
CA VAL A 565 -9.12 -7.37 -25.07
C VAL A 565 -8.85 -6.82 -26.47
N ILE A 566 -7.81 -7.35 -27.13
CA ILE A 566 -7.45 -6.95 -28.50
C ILE A 566 -8.63 -7.25 -29.44
N ASP A 567 -9.29 -8.41 -29.27
CA ASP A 567 -10.46 -8.75 -30.07
C ASP A 567 -11.54 -7.68 -30.13
N ILE A 568 -11.86 -7.03 -29.01
CA ILE A 568 -12.97 -6.09 -28.97
C ILE A 568 -12.57 -4.64 -29.19
N THR A 569 -11.43 -4.26 -28.63
CA THR A 569 -10.96 -2.89 -28.73
C THR A 569 -10.29 -2.61 -30.08
N VAL A 570 -9.34 -3.48 -30.50
CA VAL A 570 -8.57 -3.39 -31.73
C VAL A 570 -9.32 -4.06 -32.89
N ASP A 571 -9.34 -5.42 -32.93
CA ASP A 571 -10.00 -6.22 -33.99
C ASP A 571 -11.51 -5.95 -34.13
N LYS A 572 -12.09 -5.21 -33.17
CA LYS A 572 -13.51 -4.81 -33.11
C LYS A 572 -14.52 -5.98 -33.21
N ASN A 573 -14.06 -7.22 -32.96
CA ASN A 573 -14.85 -8.46 -32.97
C ASN A 573 -15.78 -8.52 -31.74
N MET A 574 -16.77 -7.59 -31.67
CA MET A 574 -17.79 -7.49 -30.61
C MET A 574 -18.44 -8.88 -30.43
N PRO A 575 -18.60 -9.40 -29.18
CA PRO A 575 -19.18 -10.75 -29.00
C PRO A 575 -20.58 -10.96 -29.61
N LYS A 576 -20.94 -12.23 -29.90
CA LYS A 576 -22.22 -12.60 -30.52
C LYS A 576 -23.35 -12.86 -29.49
N PHE A 577 -24.49 -12.14 -29.67
CA PHE A 577 -25.67 -12.26 -28.81
C PHE A 577 -26.72 -13.19 -29.44
N ASN A 578 -27.27 -14.12 -28.64
CA ASN A 578 -28.27 -15.11 -29.07
C ASN A 578 -29.59 -15.05 -28.30
P PO4 B . 16.83 -24.97 7.94
O1 PO4 B . 15.50 -25.13 8.82
O2 PO4 B . 17.48 -23.57 8.11
O3 PO4 B . 16.48 -25.21 6.39
O4 PO4 B . 17.88 -26.07 8.43
P PO4 C . -13.20 3.87 16.82
O1 PO4 C . -14.33 3.66 15.71
O2 PO4 C . -13.88 4.27 18.21
O3 PO4 C . -12.24 5.02 16.39
O4 PO4 C . -12.38 2.50 16.98
AU AU D . 11.62 7.06 26.76
AU AU E . 23.08 6.10 -2.28
AU AU F . -17.62 -3.84 -2.07
AU AU G . 9.04 2.99 -12.40
AU AU H . 11.78 -15.75 26.39
AU AU I . -19.98 -5.62 -3.79
AU AU J . 10.94 5.04 29.34
#